data_8JUI
#
_entry.id   8JUI
#
_cell.length_a   143.100
_cell.length_b   143.100
_cell.length_c   80.907
_cell.angle_alpha   90.00
_cell.angle_beta   90.00
_cell.angle_gamma   120.00
#
_symmetry.space_group_name_H-M   'P 62 2 2'
#
loop_
_entity.id
_entity.type
_entity.pdbx_description
1 polymer 'Cystathionine beta-lyase'
2 water water
#
_entity_poly.entity_id   1
_entity_poly.type   'polypeptide(L)'
_entity_poly.pdbx_seq_one_letter_code
;MSYSIDTLLLHNQYKHDSQTGAVNVPIYNTSTFHQFDVDTFGKYDYSRSGNPTREALEDIIALLEGGTKGFAFASGIAAI
STAFLLLSQGDHVLISEDVYGGTYRVITEVLSRYGVSHTFVDMTNLEEIKQNIKPNTKLFYVETPSNPLLKVTDIREVSK
LAKSIGALTFVDNTFLTPLFQKPLELGADVVLHSAT(LLP)FIAGHSDVTAGLAVVKDSELAQKLGFLQNAFGAILGPQD
CSLVLRGLKTLHVRLEHSAKNANKIAHYLQEHSKVKNVYYPGLQTHLGFDIQQSQATSAGAVLSFTLQSEDALRKFLSKV
KLPVFAVSLGAVESILSYPAKMSHAALSQEARDKRGISNSLLRLSVGLENVNDLISDFENALSYVEEPVNALEHHHHHH
;
_entity_poly.pdbx_strand_id   A
#
# COMPACT_ATOMS: atom_id res chain seq x y z
N TYR A 3 -0.22 23.25 10.53
CA TYR A 3 0.20 22.01 11.27
C TYR A 3 0.77 20.97 10.29
N SER A 4 1.90 20.32 10.64
CA SER A 4 2.44 19.18 9.84
C SER A 4 1.53 17.96 10.04
N ILE A 5 1.67 16.99 9.11
CA ILE A 5 0.82 15.78 9.02
C ILE A 5 0.91 14.97 10.33
N ASP A 6 2.06 15.01 11.03
CA ASP A 6 2.23 14.24 12.29
C ASP A 6 1.32 14.84 13.38
N THR A 7 1.04 16.14 13.32
CA THR A 7 0.06 16.79 14.24
C THR A 7 -1.36 16.42 13.83
N LEU A 8 -1.67 16.43 12.51
CA LEU A 8 -3.04 16.11 11.97
C LEU A 8 -3.48 14.68 12.32
N LEU A 9 -2.55 13.75 12.53
CA LEU A 9 -2.90 12.37 12.95
C LEU A 9 -3.70 12.46 14.28
N LEU A 10 -3.50 13.51 15.08
CA LEU A 10 -4.14 13.64 16.41
C LEU A 10 -5.12 14.83 16.45
N HIS A 11 -4.76 15.94 15.81
CA HIS A 11 -5.56 17.20 15.82
C HIS A 11 -6.38 17.21 14.55
N ASN A 12 -7.64 16.76 14.65
CA ASN A 12 -8.62 16.70 13.54
C ASN A 12 -10.01 16.72 14.20
N GLN A 13 -11.04 16.67 13.38
CA GLN A 13 -12.49 16.75 13.74
C GLN A 13 -12.85 15.73 14.83
N TYR A 14 -12.15 14.61 14.94
CA TYR A 14 -12.53 13.46 15.81
C TYR A 14 -11.68 13.42 17.10
N LYS A 15 -10.94 14.49 17.41
CA LYS A 15 -10.07 14.53 18.62
C LYS A 15 -10.94 14.52 19.89
N HIS A 16 -12.17 15.06 19.82
CA HIS A 16 -13.13 15.06 20.96
C HIS A 16 -14.56 15.03 20.42
N ASP A 17 -15.30 13.98 20.78
CA ASP A 17 -16.77 13.86 20.55
C ASP A 17 -17.51 15.06 21.18
N SER A 18 -18.23 15.83 20.33
CA SER A 18 -19.15 16.94 20.66
C SER A 18 -20.01 16.63 21.89
N GLN A 19 -20.82 15.58 21.78
CA GLN A 19 -21.88 15.23 22.77
C GLN A 19 -21.28 14.86 24.14
N THR A 20 -20.07 14.28 24.21
CA THR A 20 -19.58 13.59 25.44
C THR A 20 -18.13 13.95 25.81
N GLY A 21 -17.37 14.58 24.90
CA GLY A 21 -15.92 14.79 25.02
C GLY A 21 -15.06 13.56 24.69
N ALA A 22 -15.64 12.40 24.35
CA ALA A 22 -14.89 11.13 24.09
C ALA A 22 -13.68 11.42 23.20
N VAL A 23 -12.44 11.08 23.62
CA VAL A 23 -11.23 11.35 22.78
C VAL A 23 -11.07 10.25 21.73
N ASN A 24 -11.83 9.15 21.83
CA ASN A 24 -11.85 8.07 20.79
C ASN A 24 -13.27 8.02 20.23
N VAL A 25 -13.38 7.72 18.93
CA VAL A 25 -14.72 7.63 18.25
C VAL A 25 -15.41 6.37 18.78
N PRO A 26 -16.62 6.47 19.37
CA PRO A 26 -17.36 5.31 19.85
C PRO A 26 -17.54 4.26 18.75
N ILE A 27 -17.53 2.98 19.13
CA ILE A 27 -17.81 1.89 18.17
C ILE A 27 -19.33 1.76 18.06
N TYR A 28 -19.88 2.14 16.89
CA TYR A 28 -21.32 1.95 16.55
C TYR A 28 -21.50 0.52 16.01
N ASN A 29 -21.55 -0.46 16.91
CA ASN A 29 -21.90 -1.87 16.55
C ASN A 29 -23.43 -1.91 16.41
N THR A 30 -23.93 -1.30 15.34
CA THR A 30 -25.37 -1.21 15.02
C THR A 30 -25.51 -1.29 13.49
N SER A 31 -26.44 -2.12 13.03
CA SER A 31 -26.77 -2.33 11.60
C SER A 31 -28.02 -1.49 11.27
N THR A 32 -28.89 -1.28 12.26
CA THR A 32 -30.24 -0.63 12.18
C THR A 32 -30.18 0.73 12.91
N PHE A 33 -30.71 1.80 12.32
CA PHE A 33 -30.96 3.10 13.01
C PHE A 33 -32.46 3.44 13.01
N HIS A 34 -33.05 3.64 14.20
CA HIS A 34 -34.45 4.14 14.38
C HIS A 34 -34.59 5.49 13.64
N GLN A 35 -35.68 5.65 12.88
CA GLN A 35 -36.05 6.92 12.18
C GLN A 35 -37.09 7.63 13.07
N PHE A 36 -36.75 8.81 13.61
CA PHE A 36 -37.65 9.59 14.50
C PHE A 36 -38.75 10.31 13.68
N ASP A 37 -38.66 10.35 12.34
CA ASP A 37 -39.64 10.98 11.40
C ASP A 37 -40.02 9.99 10.30
N VAL A 38 -41.27 10.05 9.79
CA VAL A 38 -41.79 9.15 8.72
C VAL A 38 -41.16 9.51 7.35
N ASP A 39 -40.93 10.81 7.10
CA ASP A 39 -40.59 11.38 5.76
C ASP A 39 -39.07 11.54 5.61
N THR A 40 -38.43 12.38 6.43
CA THR A 40 -36.93 12.53 6.50
C THR A 40 -36.32 11.46 7.43
N PHE A 41 -35.08 11.03 7.16
CA PHE A 41 -34.54 9.70 7.58
C PHE A 41 -33.55 9.80 8.76
N GLY A 42 -32.89 10.95 8.97
CA GLY A 42 -31.78 11.08 9.95
C GLY A 42 -30.44 10.81 9.28
N LYS A 43 -29.33 11.22 9.89
CA LYS A 43 -27.99 11.09 9.24
C LYS A 43 -27.71 9.64 8.77
N TYR A 44 -28.18 8.63 9.53
CA TYR A 44 -27.90 7.19 9.29
C TYR A 44 -29.22 6.41 9.21
N ASP A 45 -29.34 5.55 8.20
CA ASP A 45 -30.49 4.63 7.97
C ASP A 45 -30.01 3.19 8.18
N TYR A 46 -28.73 2.91 7.87
CA TYR A 46 -28.19 1.54 7.69
C TYR A 46 -26.65 1.56 7.65
N SER A 47 -26.02 0.68 8.44
CA SER A 47 -24.56 0.71 8.75
C SER A 47 -23.71 0.55 7.48
N ARG A 48 -24.07 -0.38 6.60
CA ARG A 48 -23.42 -0.58 5.27
C ARG A 48 -23.38 0.76 4.50
N SER A 49 -24.47 1.53 4.49
CA SER A 49 -24.59 2.84 3.81
C SER A 49 -23.69 3.89 4.47
N GLY A 50 -23.57 3.89 5.79
CA GLY A 50 -22.68 4.79 6.53
C GLY A 50 -22.92 4.65 8.01
N ASN A 51 -21.89 4.97 8.82
CA ASN A 51 -22.01 5.06 10.30
C ASN A 51 -20.84 5.88 10.84
N PRO A 52 -21.00 6.42 12.07
CA PRO A 52 -20.03 7.40 12.59
C PRO A 52 -18.61 6.84 12.69
N THR A 53 -18.41 5.56 12.99
CA THR A 53 -17.03 5.05 13.17
C THR A 53 -16.34 5.03 11.79
N ARG A 54 -16.91 4.37 10.82
CA ARG A 54 -16.37 4.34 9.43
C ARG A 54 -16.20 5.76 8.89
N GLU A 55 -17.17 6.65 9.14
CA GLU A 55 -17.15 8.04 8.59
C GLU A 55 -15.88 8.75 9.09
N ALA A 56 -15.52 8.59 10.36
CA ALA A 56 -14.31 9.24 10.89
C ALA A 56 -13.05 8.71 10.17
N LEU A 57 -12.96 7.41 9.93
CA LEU A 57 -11.73 6.83 9.31
C LEU A 57 -11.65 7.36 7.88
N GLU A 58 -12.81 7.46 7.23
CA GLU A 58 -12.90 7.89 5.81
C GLU A 58 -12.44 9.33 5.68
N ASP A 59 -12.86 10.22 6.60
CA ASP A 59 -12.50 11.65 6.60
C ASP A 59 -11.01 11.80 6.92
N ILE A 60 -10.51 11.05 7.91
CA ILE A 60 -9.10 11.17 8.35
C ILE A 60 -8.19 10.70 7.21
N ILE A 61 -8.50 9.63 6.48
CA ILE A 61 -7.57 9.20 5.39
C ILE A 61 -7.62 10.21 4.22
N ALA A 62 -8.79 10.75 3.91
CA ALA A 62 -8.94 11.86 2.93
C ALA A 62 -8.06 13.05 3.36
N LEU A 63 -8.15 13.44 4.62
CA LEU A 63 -7.27 14.51 5.15
C LEU A 63 -5.80 14.13 4.93
N LEU A 64 -5.35 12.95 5.36
CA LEU A 64 -3.90 12.62 5.24
C LEU A 64 -3.48 12.64 3.77
N GLU A 65 -4.32 12.19 2.83
CA GLU A 65 -3.87 12.07 1.42
C GLU A 65 -4.15 13.38 0.64
N GLY A 66 -4.77 14.38 1.26
CA GLY A 66 -5.10 15.66 0.59
C GLY A 66 -6.23 15.49 -0.41
N GLY A 67 -7.27 14.73 -0.05
CA GLY A 67 -8.36 14.38 -0.98
C GLY A 67 -9.65 14.97 -0.47
N THR A 68 -10.76 14.77 -1.16
CA THR A 68 -12.09 15.30 -0.74
C THR A 68 -12.91 14.19 -0.09
N LYS A 69 -12.76 12.94 -0.51
CA LYS A 69 -13.52 11.83 0.10
C LYS A 69 -12.65 10.60 0.26
N GLY A 70 -12.88 9.87 1.35
CA GLY A 70 -12.24 8.56 1.67
C GLY A 70 -13.29 7.47 1.74
N PHE A 71 -12.86 6.22 1.56
CA PHE A 71 -13.71 5.02 1.42
C PHE A 71 -12.97 3.89 2.11
N ALA A 72 -13.60 3.27 3.11
CA ALA A 72 -13.06 2.15 3.90
C ALA A 72 -13.69 0.83 3.45
N PHE A 73 -12.83 -0.16 3.21
CA PHE A 73 -13.23 -1.48 2.66
C PHE A 73 -12.74 -2.63 3.53
N ALA A 74 -13.36 -3.78 3.37
CA ALA A 74 -13.07 -5.03 4.14
C ALA A 74 -11.60 -5.47 4.01
N SER A 75 -10.89 -4.98 2.98
CA SER A 75 -9.50 -5.42 2.71
C SER A 75 -8.92 -4.46 1.69
N GLY A 76 -7.60 -4.34 1.60
CA GLY A 76 -6.99 -3.58 0.50
C GLY A 76 -7.41 -4.12 -0.86
N ILE A 77 -7.45 -5.44 -1.06
CA ILE A 77 -7.83 -6.00 -2.39
C ILE A 77 -9.30 -5.68 -2.68
N ALA A 78 -10.17 -5.55 -1.68
CA ALA A 78 -11.58 -5.14 -1.93
C ALA A 78 -11.63 -3.68 -2.38
N ALA A 79 -10.77 -2.81 -1.84
CA ALA A 79 -10.67 -1.40 -2.27
C ALA A 79 -10.21 -1.36 -3.74
N ILE A 80 -9.19 -2.14 -4.08
CA ILE A 80 -8.61 -2.19 -5.45
C ILE A 80 -9.68 -2.73 -6.41
N SER A 81 -10.28 -3.87 -6.08
CA SER A 81 -11.37 -4.49 -6.88
C SER A 81 -12.53 -3.51 -7.06
N THR A 82 -12.98 -2.84 -6.00
CA THR A 82 -14.11 -1.89 -6.13
C THR A 82 -13.69 -0.77 -7.09
N ALA A 83 -12.49 -0.25 -6.98
CA ALA A 83 -12.05 0.88 -7.84
C ALA A 83 -12.02 0.44 -9.30
N PHE A 84 -11.66 -0.80 -9.60
CA PHE A 84 -11.70 -1.35 -10.99
C PHE A 84 -13.14 -1.41 -11.53
N LEU A 85 -14.17 -1.43 -10.67
CA LEU A 85 -15.57 -1.49 -11.16
C LEU A 85 -15.95 -0.13 -11.75
N LEU A 86 -15.05 0.84 -11.69
CA LEU A 86 -15.22 2.15 -12.35
C LEU A 86 -15.13 1.95 -13.88
N LEU A 87 -14.49 0.88 -14.35
CA LEU A 87 -14.35 0.51 -15.79
C LEU A 87 -15.57 -0.30 -16.21
N SER A 88 -15.81 -0.37 -17.53
CA SER A 88 -16.87 -1.20 -18.17
C SER A 88 -16.26 -2.11 -19.24
N GLN A 89 -17.02 -3.06 -19.77
CA GLN A 89 -16.49 -3.99 -20.79
C GLN A 89 -16.07 -3.15 -22.00
N GLY A 90 -15.00 -3.56 -22.65
CA GLY A 90 -14.37 -2.76 -23.71
C GLY A 90 -13.15 -1.99 -23.23
N ASP A 91 -13.16 -1.49 -21.98
CA ASP A 91 -12.08 -0.67 -21.38
C ASP A 91 -10.78 -1.48 -21.29
N HIS A 92 -9.64 -0.83 -21.53
CA HIS A 92 -8.28 -1.40 -21.48
C HIS A 92 -7.47 -0.75 -20.36
N VAL A 93 -6.60 -1.53 -19.72
CA VAL A 93 -5.83 -1.11 -18.52
C VAL A 93 -4.34 -1.30 -18.81
N LEU A 94 -3.54 -0.23 -18.69
CA LEU A 94 -2.05 -0.39 -18.59
C LEU A 94 -1.70 -0.55 -17.11
N ILE A 95 -1.02 -1.62 -16.76
CA ILE A 95 -0.75 -1.93 -15.34
C ILE A 95 0.70 -2.42 -15.18
N SER A 96 1.32 -2.09 -14.04
CA SER A 96 2.64 -2.54 -13.60
C SER A 96 2.69 -4.08 -13.59
N GLU A 97 3.71 -4.62 -14.23
CA GLU A 97 4.01 -6.05 -14.33
C GLU A 97 4.41 -6.55 -12.95
N ASP A 98 4.76 -5.65 -12.04
CA ASP A 98 5.20 -6.02 -10.68
C ASP A 98 4.04 -5.85 -9.69
N VAL A 99 2.80 -5.61 -10.11
CA VAL A 99 1.68 -5.35 -9.15
C VAL A 99 1.59 -6.48 -8.13
N TYR A 100 1.06 -6.14 -6.96
CA TYR A 100 0.61 -7.09 -5.92
C TYR A 100 -0.13 -8.25 -6.61
N GLY A 101 0.18 -9.48 -6.19
CA GLY A 101 -0.38 -10.74 -6.74
C GLY A 101 -1.90 -10.71 -6.75
N GLY A 102 -2.54 -10.18 -5.70
CA GLY A 102 -4.02 -10.02 -5.64
C GLY A 102 -4.54 -9.13 -6.74
N THR A 103 -3.82 -8.07 -7.08
CA THR A 103 -4.24 -7.13 -8.16
C THR A 103 -4.09 -7.86 -9.51
N TYR A 104 -3.01 -8.60 -9.63
CA TYR A 104 -2.63 -9.38 -10.84
C TYR A 104 -3.80 -10.34 -11.13
N ARG A 105 -4.12 -11.18 -10.15
CA ARG A 105 -5.21 -12.19 -10.18
C ARG A 105 -6.55 -11.52 -10.53
N VAL A 106 -6.93 -10.39 -9.93
CA VAL A 106 -8.26 -9.78 -10.26
C VAL A 106 -8.32 -9.30 -11.73
N ILE A 107 -7.27 -8.64 -12.23
CA ILE A 107 -7.21 -8.19 -13.66
C ILE A 107 -7.23 -9.42 -14.58
N THR A 108 -6.47 -10.47 -14.28
CA THR A 108 -6.24 -11.56 -15.26
C THR A 108 -7.36 -12.61 -15.19
N GLU A 109 -7.95 -12.89 -14.00
CA GLU A 109 -8.90 -14.01 -13.80
C GLU A 109 -10.35 -13.51 -13.65
N VAL A 110 -10.59 -12.26 -13.29
CA VAL A 110 -11.98 -11.82 -13.06
C VAL A 110 -12.37 -10.81 -14.12
N LEU A 111 -11.68 -9.68 -14.18
CA LEU A 111 -12.13 -8.57 -15.05
C LEU A 111 -11.91 -8.97 -16.53
N SER A 112 -11.05 -9.96 -16.80
CA SER A 112 -10.87 -10.52 -18.16
C SER A 112 -12.16 -11.21 -18.66
N ARG A 113 -13.01 -11.73 -17.75
CA ARG A 113 -14.29 -12.41 -18.11
C ARG A 113 -15.39 -11.38 -18.38
N TYR A 114 -15.11 -10.09 -18.20
CA TYR A 114 -16.11 -9.00 -18.30
C TYR A 114 -15.71 -8.02 -19.40
N GLY A 115 -14.77 -8.42 -20.26
CA GLY A 115 -14.29 -7.63 -21.41
C GLY A 115 -13.44 -6.44 -20.99
N VAL A 116 -12.83 -6.47 -19.79
CA VAL A 116 -11.81 -5.46 -19.39
C VAL A 116 -10.46 -6.10 -19.72
N SER A 117 -9.75 -5.54 -20.70
CA SER A 117 -8.45 -6.09 -21.16
C SER A 117 -7.32 -5.30 -20.50
N HIS A 118 -6.12 -5.85 -20.56
CA HIS A 118 -4.93 -5.24 -19.94
C HIS A 118 -3.66 -5.58 -20.73
N THR A 119 -2.64 -4.74 -20.55
CA THR A 119 -1.23 -5.10 -20.84
C THR A 119 -0.38 -4.76 -19.62
N PHE A 120 0.42 -5.73 -19.14
CA PHE A 120 1.44 -5.56 -18.08
C PHE A 120 2.67 -4.93 -18.71
N VAL A 121 3.21 -3.88 -18.07
CA VAL A 121 4.37 -3.09 -18.57
C VAL A 121 5.25 -2.69 -17.39
N ASP A 122 6.50 -2.32 -17.71
CA ASP A 122 7.45 -1.61 -16.82
C ASP A 122 7.00 -0.16 -16.74
N MET A 123 6.31 0.24 -15.66
CA MET A 123 5.81 1.62 -15.55
C MET A 123 7.00 2.55 -15.30
N THR A 124 8.21 2.01 -15.08
CA THR A 124 9.44 2.83 -14.90
C THR A 124 10.01 3.22 -16.27
N ASN A 125 9.50 2.66 -17.36
CA ASN A 125 9.92 2.94 -18.76
C ASN A 125 8.84 3.72 -19.49
N LEU A 126 8.94 5.04 -19.54
CA LEU A 126 7.85 5.89 -20.09
C LEU A 126 7.59 5.53 -21.56
N GLU A 127 8.55 4.90 -22.23
CA GLU A 127 8.46 4.66 -23.69
C GLU A 127 7.64 3.39 -23.90
N GLU A 128 8.01 2.32 -23.22
CA GLU A 128 7.28 1.04 -23.23
C GLU A 128 5.82 1.31 -22.85
N ILE A 129 5.57 2.20 -21.88
CA ILE A 129 4.16 2.60 -21.55
C ILE A 129 3.55 3.15 -22.84
N LYS A 130 4.16 4.22 -23.38
CA LYS A 130 3.67 4.98 -24.56
C LYS A 130 3.33 4.00 -25.69
N GLN A 131 4.17 2.99 -25.88
CA GLN A 131 4.10 2.05 -27.03
C GLN A 131 2.78 1.28 -26.94
N ASN A 132 2.40 0.78 -25.74
CA ASN A 132 1.25 -0.14 -25.54
C ASN A 132 -0.07 0.59 -25.27
N ILE A 133 -0.12 1.91 -25.47
CA ILE A 133 -1.40 2.66 -25.36
C ILE A 133 -2.33 2.14 -26.46
N LYS A 134 -3.64 2.07 -26.17
CA LYS A 134 -4.67 1.68 -27.18
C LYS A 134 -5.75 2.73 -27.18
N PRO A 135 -6.61 2.76 -28.23
CA PRO A 135 -7.67 3.77 -28.29
C PRO A 135 -8.67 3.70 -27.13
N ASN A 136 -8.82 2.50 -26.53
CA ASN A 136 -9.79 2.20 -25.43
C ASN A 136 -9.06 2.15 -24.06
N THR A 137 -7.80 2.59 -23.96
CA THR A 137 -7.02 2.62 -22.68
C THR A 137 -7.68 3.63 -21.74
N LYS A 138 -8.27 3.20 -20.62
CA LYS A 138 -8.99 4.12 -19.70
C LYS A 138 -8.24 4.26 -18.37
N LEU A 139 -7.28 3.40 -18.09
CA LEU A 139 -6.64 3.36 -16.76
C LEU A 139 -5.16 3.03 -16.87
N PHE A 140 -4.37 3.77 -16.11
CA PHE A 140 -2.97 3.47 -15.76
C PHE A 140 -2.92 3.08 -14.29
N TYR A 141 -2.41 1.88 -13.96
CA TYR A 141 -2.35 1.36 -12.57
C TYR A 141 -0.87 1.29 -12.15
N VAL A 142 -0.55 2.15 -11.19
CA VAL A 142 0.82 2.34 -10.63
C VAL A 142 0.87 1.78 -9.21
N GLU A 143 1.95 1.07 -8.90
CA GLU A 143 2.31 0.65 -7.52
C GLU A 143 3.79 0.99 -7.28
N THR A 144 4.08 2.05 -6.51
CA THR A 144 5.47 2.55 -6.28
C THR A 144 5.71 2.86 -4.80
N PRO A 145 6.81 2.37 -4.21
CA PRO A 145 7.75 1.47 -4.88
C PRO A 145 7.24 0.03 -4.97
N SER A 146 7.81 -0.73 -5.91
CA SER A 146 7.34 -2.07 -6.32
C SER A 146 7.86 -3.11 -5.32
N ASN A 147 7.16 -4.22 -5.22
CA ASN A 147 7.55 -5.35 -4.36
C ASN A 147 8.13 -6.43 -5.26
N PRO A 148 9.23 -7.13 -4.94
CA PRO A 148 10.11 -6.84 -3.81
C PRO A 148 11.44 -6.09 -4.09
N LEU A 149 11.61 -5.53 -5.27
CA LEU A 149 12.87 -4.83 -5.66
C LEU A 149 12.74 -3.31 -5.50
N LEU A 150 11.58 -2.80 -5.10
CA LEU A 150 11.44 -1.38 -4.71
C LEU A 150 11.80 -0.49 -5.89
N LYS A 151 11.46 -0.93 -7.10
CA LYS A 151 11.59 -0.09 -8.31
C LYS A 151 10.65 1.09 -8.15
N VAL A 152 11.00 2.24 -8.74
CA VAL A 152 10.24 3.51 -8.53
C VAL A 152 9.55 3.90 -9.82
N THR A 153 8.27 4.26 -9.75
CA THR A 153 7.53 4.82 -10.89
C THR A 153 7.41 6.32 -10.72
N ASP A 154 7.64 7.05 -11.80
CA ASP A 154 7.49 8.52 -11.80
C ASP A 154 6.00 8.83 -11.87
N ILE A 155 5.39 9.11 -10.72
CA ILE A 155 3.91 9.27 -10.65
C ILE A 155 3.48 10.44 -11.54
N ARG A 156 4.19 11.57 -11.47
CA ARG A 156 3.84 12.83 -12.19
C ARG A 156 3.82 12.54 -13.69
N GLU A 157 4.86 11.86 -14.21
CA GLU A 157 5.01 11.61 -15.66
C GLU A 157 3.96 10.60 -16.12
N VAL A 158 3.69 9.55 -15.34
CA VAL A 158 2.69 8.54 -15.75
C VAL A 158 1.32 9.20 -15.79
N SER A 159 1.03 10.03 -14.81
CA SER A 159 -0.25 10.78 -14.66
C SER A 159 -0.49 11.71 -15.85
N LYS A 160 0.57 12.39 -16.32
CA LYS A 160 0.53 13.41 -17.39
C LYS A 160 0.11 12.70 -18.69
N LEU A 161 0.78 11.59 -18.99
CA LEU A 161 0.50 10.65 -20.12
C LEU A 161 -0.95 10.19 -20.07
N ALA A 162 -1.42 9.77 -18.89
CA ALA A 162 -2.81 9.31 -18.66
C ALA A 162 -3.78 10.46 -18.96
N LYS A 163 -3.55 11.61 -18.35
CA LYS A 163 -4.32 12.87 -18.55
C LYS A 163 -4.39 13.16 -20.06
N SER A 164 -3.31 12.89 -20.81
CA SER A 164 -3.21 13.30 -22.24
C SER A 164 -4.15 12.45 -23.10
N ILE A 165 -4.64 11.30 -22.63
CA ILE A 165 -5.65 10.47 -23.35
C ILE A 165 -6.94 10.35 -22.51
N GLY A 166 -7.22 11.29 -21.61
CA GLY A 166 -8.35 11.22 -20.67
C GLY A 166 -8.45 9.86 -19.96
N ALA A 167 -7.34 9.19 -19.69
CA ALA A 167 -7.27 7.91 -18.93
C ALA A 167 -7.07 8.24 -17.46
N LEU A 168 -7.61 7.38 -16.59
CA LEU A 168 -7.48 7.49 -15.11
C LEU A 168 -6.10 7.02 -14.70
N THR A 169 -5.61 7.53 -13.57
CA THR A 169 -4.45 7.00 -12.82
C THR A 169 -4.87 6.52 -11.43
N PHE A 170 -4.60 5.24 -11.12
CA PHE A 170 -4.68 4.68 -9.75
C PHE A 170 -3.26 4.41 -9.27
N VAL A 171 -3.00 4.75 -8.03
CA VAL A 171 -1.71 4.45 -7.36
C VAL A 171 -1.99 3.69 -6.05
N ASP A 172 -1.38 2.51 -5.95
CA ASP A 172 -1.34 1.71 -4.71
C ASP A 172 -0.12 2.23 -3.91
N ASN A 173 -0.43 3.01 -2.87
CA ASN A 173 0.50 3.76 -1.99
C ASN A 173 0.64 3.03 -0.65
N THR A 174 0.40 1.72 -0.62
CA THR A 174 0.53 0.89 0.61
C THR A 174 1.92 1.07 1.23
N PHE A 175 2.98 0.96 0.44
CA PHE A 175 4.37 0.83 0.95
C PHE A 175 4.82 2.10 1.70
N LEU A 176 4.53 3.30 1.21
CA LEU A 176 5.07 4.55 1.78
C LEU A 176 4.07 5.24 2.71
N THR A 177 2.78 4.96 2.56
CA THR A 177 1.65 5.63 3.28
C THR A 177 1.58 7.11 2.90
N PRO A 178 0.48 7.79 3.27
CA PRO A 178 0.36 9.25 3.08
C PRO A 178 1.44 10.07 3.81
N LEU A 179 2.04 9.54 4.86
CA LEU A 179 3.14 10.25 5.55
C LEU A 179 4.27 10.65 4.58
N PHE A 180 4.59 9.79 3.61
CA PHE A 180 5.84 9.88 2.82
C PHE A 180 5.54 10.20 1.36
N GLN A 181 4.33 9.90 0.87
CA GLN A 181 4.00 10.03 -0.58
C GLN A 181 2.52 10.34 -0.68
N LYS A 182 2.14 11.34 -1.48
CA LYS A 182 0.76 11.84 -1.69
C LYS A 182 0.40 11.79 -3.17
N PRO A 183 0.10 10.59 -3.73
CA PRO A 183 -0.21 10.48 -5.15
C PRO A 183 -1.24 11.45 -5.73
N LEU A 184 -2.25 11.91 -4.95
CA LEU A 184 -3.28 12.82 -5.48
C LEU A 184 -2.63 14.17 -5.84
N GLU A 185 -1.58 14.58 -5.12
CA GLU A 185 -0.87 15.85 -5.43
C GLU A 185 0.04 15.67 -6.64
N LEU A 186 0.28 14.44 -7.09
CA LEU A 186 1.23 14.11 -8.16
C LEU A 186 0.47 13.78 -9.44
N GLY A 187 -0.86 13.89 -9.42
CA GLY A 187 -1.73 13.72 -10.60
C GLY A 187 -2.52 12.42 -10.61
N ALA A 188 -2.40 11.56 -9.59
CA ALA A 188 -3.26 10.36 -9.52
C ALA A 188 -4.73 10.80 -9.31
N ASP A 189 -5.66 10.00 -9.81
CA ASP A 189 -7.13 10.19 -9.59
C ASP A 189 -7.61 9.37 -8.39
N VAL A 190 -7.08 8.17 -8.20
CA VAL A 190 -7.47 7.35 -7.02
C VAL A 190 -6.19 6.89 -6.35
N VAL A 191 -6.13 7.04 -5.03
CA VAL A 191 -5.05 6.41 -4.20
C VAL A 191 -5.66 5.28 -3.36
N LEU A 192 -4.97 4.13 -3.33
CA LEU A 192 -5.42 2.83 -2.76
C LEU A 192 -4.41 2.39 -1.69
N HIS A 193 -4.90 1.85 -0.60
CA HIS A 193 -4.10 1.35 0.53
C HIS A 193 -4.62 -0.01 1.00
N SER A 194 -3.69 -0.89 1.26
CA SER A 194 -3.89 -1.96 2.27
C SER A 194 -3.55 -1.38 3.64
N ALA A 195 -4.59 -0.96 4.39
CA ALA A 195 -4.45 -0.42 5.76
C ALA A 195 -4.01 -1.57 6.66
N THR A 196 -4.14 -2.80 6.17
CA THR A 196 -3.72 -4.04 6.85
C THR A 196 -2.25 -3.86 7.23
N1 LLP A 197 -1.31 -3.91 -2.16
C2 LLP A 197 -0.17 -4.03 -1.49
C2' LLP A 197 1.01 -3.24 -1.98
C3 LLP A 197 -0.09 -4.88 -0.39
O3 LLP A 197 1.08 -4.99 0.26
C4 LLP A 197 -1.24 -5.57 0.04
C4' LLP A 197 -1.15 -6.44 1.20
C5 LLP A 197 -2.40 -5.48 -0.72
C6 LLP A 197 -2.38 -4.65 -1.80
C5' LLP A 197 -3.65 -6.27 -0.40
OP4 LLP A 197 -4.36 -5.83 0.80
P LLP A 197 -5.18 -6.84 1.74
OP1 LLP A 197 -6.32 -7.24 0.92
OP2 LLP A 197 -5.58 -5.94 2.96
OP3 LLP A 197 -4.30 -7.92 2.13
N LLP A 197 -1.49 -3.16 6.37
CA LLP A 197 -0.03 -3.03 6.48
CB LLP A 197 0.59 -2.93 5.09
CG LLP A 197 0.15 -3.98 4.07
CD LLP A 197 0.28 -5.41 4.51
CE LLP A 197 0.46 -6.42 3.39
NZ LLP A 197 -0.48 -6.30 2.26
C LLP A 197 0.32 -1.88 7.44
O LLP A 197 -0.04 -1.99 8.62
N PHE A 198 1.04 -0.86 7.01
CA PHE A 198 1.64 0.16 7.91
C PHE A 198 0.55 1.04 8.55
N ILE A 199 -0.54 1.34 7.87
CA ILE A 199 -1.49 2.31 8.44
C ILE A 199 -2.02 1.81 9.80
N ALA A 200 -2.54 0.61 9.83
CA ALA A 200 -3.05 -0.04 11.06
C ALA A 200 -1.84 -0.46 11.90
N GLY A 201 -0.88 -1.11 11.25
CA GLY A 201 0.51 -1.23 11.71
C GLY A 201 0.73 -2.35 12.72
N HIS A 202 -0.30 -3.06 13.17
CA HIS A 202 -0.17 -3.99 14.33
C HIS A 202 -0.56 -5.42 13.93
N SER A 203 -0.68 -5.68 12.63
CA SER A 203 -0.97 -7.04 12.12
C SER A 203 -2.29 -7.56 12.72
N ASP A 204 -3.26 -6.72 13.11
CA ASP A 204 -4.42 -7.25 13.88
C ASP A 204 -5.75 -6.97 13.20
N VAL A 205 -5.75 -6.43 12.00
CA VAL A 205 -7.02 -6.09 11.31
C VAL A 205 -6.75 -6.09 9.80
N THR A 206 -7.71 -6.56 9.03
CA THR A 206 -7.63 -6.52 7.54
C THR A 206 -8.49 -5.34 7.08
N ALA A 207 -7.94 -4.45 6.27
CA ALA A 207 -8.66 -3.22 5.91
C ALA A 207 -8.12 -2.63 4.61
N GLY A 208 -8.98 -2.01 3.80
CA GLY A 208 -8.56 -1.23 2.63
C GLY A 208 -9.09 0.22 2.65
N LEU A 209 -8.37 1.17 2.06
CA LEU A 209 -8.80 2.57 1.93
C LEU A 209 -8.61 3.01 0.48
N ALA A 210 -9.47 3.92 0.03
CA ALA A 210 -9.32 4.67 -1.23
C ALA A 210 -9.65 6.12 -0.92
N VAL A 211 -8.93 7.06 -1.54
CA VAL A 211 -9.24 8.51 -1.46
C VAL A 211 -9.32 9.03 -2.91
N VAL A 212 -10.15 10.04 -3.13
CA VAL A 212 -10.22 10.76 -4.44
C VAL A 212 -10.25 12.26 -4.15
N LYS A 213 -10.02 13.08 -5.18
CA LYS A 213 -10.07 14.57 -5.04
C LYS A 213 -11.23 15.12 -5.87
N ASP A 214 -11.78 14.33 -6.78
CA ASP A 214 -12.84 14.74 -7.74
C ASP A 214 -14.21 14.23 -7.27
N SER A 215 -15.20 15.12 -7.17
CA SER A 215 -16.54 14.86 -6.58
C SER A 215 -17.36 13.90 -7.44
N GLU A 216 -17.12 13.86 -8.74
CA GLU A 216 -17.80 12.88 -9.63
C GLU A 216 -17.26 11.49 -9.34
N LEU A 217 -15.93 11.33 -9.27
CA LEU A 217 -15.30 10.01 -9.02
C LEU A 217 -15.72 9.52 -7.65
N ALA A 218 -15.83 10.46 -6.70
CA ALA A 218 -16.25 10.24 -5.29
C ALA A 218 -17.66 9.68 -5.26
N GLN A 219 -18.53 10.15 -6.15
CA GLN A 219 -19.95 9.73 -6.20
C GLN A 219 -19.95 8.33 -6.77
N LYS A 220 -19.17 8.12 -7.81
CA LYS A 220 -19.13 6.79 -8.45
C LYS A 220 -18.51 5.77 -7.50
N LEU A 221 -17.39 6.08 -6.85
CA LEU A 221 -16.73 5.08 -5.97
C LEU A 221 -17.62 4.84 -4.74
N GLY A 222 -18.19 5.90 -4.16
CA GLY A 222 -19.13 5.75 -3.03
C GLY A 222 -20.28 4.84 -3.44
N PHE A 223 -20.76 4.98 -4.67
CA PHE A 223 -21.90 4.19 -5.15
C PHE A 223 -21.45 2.73 -5.19
N LEU A 224 -20.25 2.48 -5.74
CA LEU A 224 -19.74 1.10 -5.85
C LEU A 224 -19.45 0.50 -4.46
N GLN A 225 -18.94 1.30 -3.51
CA GLN A 225 -18.65 0.83 -2.11
C GLN A 225 -19.95 0.25 -1.53
N ASN A 226 -21.01 1.04 -1.58
CA ASN A 226 -22.37 0.64 -1.08
C ASN A 226 -22.90 -0.54 -1.91
N ALA A 227 -22.79 -0.53 -3.24
CA ALA A 227 -23.52 -1.46 -4.14
C ALA A 227 -22.92 -2.87 -4.06
N PHE A 228 -21.60 -2.99 -4.07
CA PHE A 228 -20.92 -4.28 -3.90
C PHE A 228 -20.87 -4.66 -2.42
N GLY A 229 -20.69 -3.69 -1.53
CA GLY A 229 -20.90 -3.86 -0.07
C GLY A 229 -19.69 -4.40 0.67
N ALA A 230 -18.47 -4.16 0.16
CA ALA A 230 -17.22 -4.75 0.70
C ALA A 230 -16.69 -3.77 1.75
N ILE A 231 -17.55 -3.45 2.71
CA ILE A 231 -17.32 -2.34 3.67
C ILE A 231 -16.50 -2.85 4.84
N LEU A 232 -15.78 -1.93 5.48
CA LEU A 232 -15.04 -2.21 6.71
C LEU A 232 -16.06 -2.07 7.85
N GLY A 233 -16.16 -3.11 8.67
CA GLY A 233 -17.01 -3.08 9.87
C GLY A 233 -16.52 -2.06 10.90
N PRO A 234 -17.42 -1.50 11.73
CA PRO A 234 -17.07 -0.45 12.67
C PRO A 234 -15.95 -0.80 13.68
N GLN A 235 -15.99 -1.99 14.24
CA GLN A 235 -14.95 -2.48 15.20
C GLN A 235 -13.59 -2.53 14.47
N ASP A 236 -13.54 -3.00 13.23
CA ASP A 236 -12.28 -2.94 12.43
C ASP A 236 -11.90 -1.48 12.14
N CYS A 237 -12.83 -0.59 11.78
CA CYS A 237 -12.50 0.85 11.60
C CYS A 237 -11.77 1.40 12.84
N SER A 238 -12.29 1.07 14.01
CA SER A 238 -11.76 1.49 15.33
C SER A 238 -10.30 1.03 15.46
N LEU A 239 -9.97 -0.20 15.06
CA LEU A 239 -8.58 -0.64 15.19
C LEU A 239 -7.72 0.15 14.23
N VAL A 240 -8.23 0.49 13.03
CA VAL A 240 -7.43 1.25 12.04
C VAL A 240 -7.23 2.66 12.59
N LEU A 241 -8.30 3.29 13.08
CA LEU A 241 -8.23 4.65 13.70
C LEU A 241 -7.18 4.65 14.81
N ARG A 242 -7.14 3.59 15.62
CA ARG A 242 -6.17 3.54 16.74
C ARG A 242 -4.75 3.44 16.19
N GLY A 243 -4.56 2.57 15.21
CA GLY A 243 -3.25 2.39 14.56
C GLY A 243 -2.73 3.67 13.95
N LEU A 244 -3.58 4.42 13.26
CA LEU A 244 -3.20 5.70 12.58
C LEU A 244 -2.53 6.67 13.54
N LYS A 245 -2.91 6.64 14.81
CA LYS A 245 -2.40 7.61 15.82
C LYS A 245 -0.89 7.46 16.02
N THR A 246 -0.33 6.26 15.81
CA THR A 246 1.14 6.07 15.92
C THR A 246 1.85 6.02 14.55
N LEU A 247 1.18 6.29 13.43
CA LEU A 247 1.77 6.09 12.09
C LEU A 247 3.05 6.90 11.93
N HIS A 248 3.08 8.13 12.42
CA HIS A 248 4.28 8.98 12.32
C HIS A 248 5.41 8.39 13.19
N VAL A 249 5.20 8.13 14.46
CA VAL A 249 6.33 7.65 15.31
C VAL A 249 6.75 6.25 14.85
N ARG A 250 5.83 5.40 14.40
CA ARG A 250 6.19 4.03 13.88
C ARG A 250 7.04 4.15 12.61
N LEU A 251 6.53 4.83 11.59
CA LEU A 251 7.19 4.89 10.26
C LEU A 251 8.48 5.71 10.31
N GLU A 252 8.55 6.80 11.08
CA GLU A 252 9.80 7.61 11.19
C GLU A 252 10.89 6.69 11.72
N HIS A 253 10.57 5.87 12.73
CA HIS A 253 11.56 5.00 13.38
C HIS A 253 11.94 3.85 12.41
N SER A 254 10.96 3.18 11.82
CA SER A 254 11.20 2.00 10.97
C SER A 254 11.95 2.46 9.72
N ALA A 255 11.59 3.61 9.11
CA ALA A 255 12.21 4.10 7.86
C ALA A 255 13.67 4.49 8.14
N LYS A 256 13.89 5.19 9.22
CA LYS A 256 15.27 5.55 9.61
C LYS A 256 16.08 4.26 9.82
N ASN A 257 15.54 3.25 10.52
CA ASN A 257 16.31 2.01 10.83
C ASN A 257 16.50 1.18 9.54
N ALA A 258 15.54 1.23 8.61
CA ALA A 258 15.61 0.54 7.30
C ALA A 258 16.79 1.13 6.52
N ASN A 259 16.91 2.46 6.55
CA ASN A 259 18.02 3.17 5.87
C ASN A 259 19.36 2.73 6.48
N LYS A 260 19.52 2.70 7.80
CA LYS A 260 20.78 2.23 8.44
C LYS A 260 21.05 0.77 8.05
N ILE A 261 20.04 -0.10 8.12
CA ILE A 261 20.24 -1.54 7.81
C ILE A 261 20.58 -1.71 6.31
N ALA A 262 19.97 -0.95 5.41
CA ALA A 262 20.29 -0.99 3.96
C ALA A 262 21.78 -0.66 3.74
N HIS A 263 22.29 0.41 4.37
CA HIS A 263 23.71 0.88 4.30
C HIS A 263 24.63 -0.21 4.87
N TYR A 264 24.29 -0.81 6.01
CA TYR A 264 25.06 -1.91 6.62
C TYR A 264 25.10 -3.16 5.73
N LEU A 265 23.95 -3.55 5.15
CA LEU A 265 23.89 -4.75 4.26
C LEU A 265 24.69 -4.48 2.98
N GLN A 266 24.62 -3.27 2.43
CA GLN A 266 25.32 -2.93 1.18
C GLN A 266 26.84 -3.02 1.35
N GLU A 267 27.34 -3.08 2.58
CA GLU A 267 28.80 -3.08 2.82
C GLU A 267 29.23 -4.45 3.37
N HIS A 268 28.32 -5.38 3.58
CA HIS A 268 28.67 -6.74 4.07
C HIS A 268 29.15 -7.58 2.87
N SER A 269 30.19 -8.38 3.06
CA SER A 269 30.90 -9.05 1.93
C SER A 269 30.09 -10.26 1.50
N LYS A 270 29.23 -10.79 2.38
CA LYS A 270 28.39 -11.96 2.07
C LYS A 270 27.06 -11.51 1.45
N VAL A 271 26.85 -10.22 1.23
CA VAL A 271 25.58 -9.74 0.60
C VAL A 271 25.90 -9.30 -0.82
N LYS A 272 25.13 -9.78 -1.79
CA LYS A 272 25.40 -9.52 -3.22
C LYS A 272 24.73 -8.21 -3.61
N ASN A 273 23.43 -8.10 -3.39
CA ASN A 273 22.67 -6.88 -3.74
C ASN A 273 21.79 -6.45 -2.56
N VAL A 274 21.57 -5.14 -2.47
CA VAL A 274 20.56 -4.52 -1.57
C VAL A 274 19.63 -3.70 -2.46
N TYR A 275 18.33 -3.87 -2.31
CA TYR A 275 17.35 -3.01 -3.03
C TYR A 275 16.66 -2.10 -2.03
N TYR A 276 16.94 -0.79 -2.08
CA TYR A 276 16.32 0.22 -1.18
C TYR A 276 16.40 1.60 -1.83
N PRO A 277 15.28 2.34 -1.96
CA PRO A 277 15.27 3.57 -2.72
C PRO A 277 16.05 4.70 -2.04
N GLY A 278 16.58 4.47 -0.83
CA GLY A 278 17.41 5.46 -0.12
C GLY A 278 18.89 5.30 -0.43
N LEU A 279 19.29 4.24 -1.14
CA LEU A 279 20.69 4.08 -1.62
C LEU A 279 20.84 4.88 -2.92
N GLN A 280 21.87 5.72 -2.97
CA GLN A 280 22.18 6.66 -4.08
C GLN A 280 22.32 5.85 -5.37
N THR A 281 22.83 4.63 -5.28
CA THR A 281 23.07 3.73 -6.42
C THR A 281 21.81 2.97 -6.84
N HIS A 282 20.66 3.19 -6.19
CA HIS A 282 19.39 2.49 -6.53
C HIS A 282 18.74 3.28 -7.66
N LEU A 283 18.47 2.61 -8.78
CA LEU A 283 17.78 3.26 -9.90
C LEU A 283 16.44 3.73 -9.34
N GLY A 284 16.09 4.99 -9.57
CA GLY A 284 14.85 5.56 -9.04
C GLY A 284 15.09 6.42 -7.82
N PHE A 285 16.29 6.36 -7.22
CA PHE A 285 16.75 7.23 -6.13
C PHE A 285 16.28 8.66 -6.38
N ASP A 286 16.58 9.20 -7.57
CA ASP A 286 16.25 10.60 -7.96
C ASP A 286 14.75 10.78 -8.00
N ILE A 287 14.06 9.84 -8.66
CA ILE A 287 12.58 9.93 -8.82
C ILE A 287 11.95 9.85 -7.43
N GLN A 288 12.40 8.93 -6.58
CA GLN A 288 11.88 8.77 -5.21
C GLN A 288 11.96 10.11 -4.45
N GLN A 289 13.14 10.73 -4.42
CA GLN A 289 13.37 11.97 -3.68
C GLN A 289 12.46 13.08 -4.20
N SER A 290 12.19 13.12 -5.51
CA SER A 290 11.31 14.14 -6.15
C SER A 290 9.81 13.94 -5.81
N GLN A 291 9.32 12.76 -5.41
CA GLN A 291 7.86 12.57 -5.22
C GLN A 291 7.52 12.12 -3.79
N ALA A 292 8.52 11.81 -2.97
CA ALA A 292 8.34 11.22 -1.64
C ALA A 292 9.32 11.88 -0.67
N THR A 293 9.03 11.85 0.63
CA THR A 293 9.92 12.44 1.66
C THR A 293 10.65 11.34 2.44
N SER A 294 10.53 10.08 2.04
CA SER A 294 11.35 8.98 2.61
C SER A 294 11.38 7.80 1.64
N ALA A 295 12.43 6.98 1.77
CA ALA A 295 12.64 5.69 1.10
C ALA A 295 11.76 4.60 1.75
N GLY A 296 11.23 4.83 2.96
CA GLY A 296 10.30 3.87 3.60
C GLY A 296 11.00 2.86 4.47
N ALA A 297 10.24 1.84 4.88
CA ALA A 297 10.61 0.84 5.91
C ALA A 297 10.82 -0.54 5.29
N VAL A 298 10.76 -0.68 3.98
CA VAL A 298 10.93 -2.02 3.33
C VAL A 298 12.22 -2.02 2.49
N LEU A 299 13.05 -3.02 2.65
CA LEU A 299 14.23 -3.28 1.76
C LEU A 299 14.27 -4.76 1.38
N SER A 300 14.99 -5.07 0.32
CA SER A 300 15.28 -6.47 -0.10
C SER A 300 16.78 -6.59 -0.23
N PHE A 301 17.29 -7.81 -0.11
CA PHE A 301 18.74 -8.08 -0.32
C PHE A 301 18.93 -9.51 -0.80
N THR A 302 20.03 -9.73 -1.49
CA THR A 302 20.39 -11.07 -2.05
C THR A 302 21.63 -11.57 -1.34
N LEU A 303 21.56 -12.80 -0.83
CA LEU A 303 22.78 -13.53 -0.41
C LEU A 303 23.44 -14.17 -1.65
N GLN A 304 24.52 -14.91 -1.41
CA GLN A 304 25.42 -15.46 -2.47
C GLN A 304 24.67 -16.58 -3.20
N SER A 305 23.85 -17.34 -2.48
CA SER A 305 23.13 -18.52 -3.01
C SER A 305 21.88 -18.78 -2.17
N GLU A 306 20.99 -19.64 -2.68
CA GLU A 306 19.80 -20.17 -1.97
C GLU A 306 20.24 -20.87 -0.70
N ASP A 307 21.51 -21.26 -0.64
CA ASP A 307 22.09 -22.09 0.43
C ASP A 307 22.39 -21.18 1.62
N ALA A 308 23.04 -20.07 1.31
CA ALA A 308 23.35 -18.98 2.26
C ALA A 308 22.02 -18.47 2.84
N LEU A 309 21.04 -18.22 1.98
CA LEU A 309 19.71 -17.64 2.36
C LEU A 309 19.08 -18.57 3.39
N ARG A 310 19.09 -19.88 3.15
CA ARG A 310 18.46 -20.90 4.05
C ARG A 310 19.26 -20.99 5.35
N LYS A 311 20.58 -20.76 5.27
CA LYS A 311 21.42 -20.79 6.49
C LYS A 311 21.08 -19.57 7.35
N PHE A 312 21.07 -18.39 6.72
CA PHE A 312 20.69 -17.10 7.34
C PHE A 312 19.32 -17.28 8.05
N LEU A 313 18.30 -17.79 7.35
CA LEU A 313 16.94 -17.93 7.93
C LEU A 313 16.97 -18.84 9.15
N SER A 314 17.78 -19.90 9.10
CA SER A 314 17.88 -20.90 10.20
C SER A 314 18.51 -20.25 11.44
N LYS A 315 19.32 -19.19 11.31
CA LYS A 315 20.10 -18.57 12.43
C LYS A 315 19.47 -17.26 12.98
N VAL A 316 18.84 -16.40 12.17
CA VAL A 316 18.25 -15.10 12.63
C VAL A 316 17.21 -15.41 13.68
N LYS A 317 17.16 -14.60 14.75
CA LYS A 317 16.22 -14.75 15.90
C LYS A 317 15.13 -13.68 15.86
N LEU A 318 15.44 -12.44 15.49
CA LEU A 318 14.49 -11.33 15.77
C LEU A 318 13.30 -11.33 14.81
N PRO A 319 13.45 -11.32 13.46
CA PRO A 319 12.29 -11.13 12.60
C PRO A 319 11.31 -12.30 12.64
N VAL A 320 10.03 -11.99 12.49
CA VAL A 320 8.98 -13.01 12.21
C VAL A 320 9.22 -13.43 10.76
N PHE A 321 8.77 -14.63 10.37
CA PHE A 321 8.87 -15.16 8.98
C PHE A 321 7.46 -15.34 8.46
N ALA A 322 7.05 -14.49 7.52
CA ALA A 322 5.64 -14.38 7.14
C ALA A 322 5.54 -13.82 5.73
N VAL A 323 4.34 -13.89 5.19
CA VAL A 323 3.94 -13.40 3.83
C VAL A 323 3.82 -11.87 3.85
N SER A 324 3.59 -11.26 5.00
CA SER A 324 3.14 -9.85 5.04
C SER A 324 4.29 -8.88 5.36
N LEU A 325 3.92 -7.63 5.59
CA LEU A 325 4.83 -6.51 5.94
C LEU A 325 4.06 -5.46 6.75
N GLY A 326 4.77 -4.39 7.13
CA GLY A 326 4.18 -3.17 7.71
C GLY A 326 3.78 -3.39 9.16
N ALA A 327 4.39 -4.34 9.84
CA ALA A 327 4.10 -4.68 11.26
C ALA A 327 5.12 -4.01 12.20
N VAL A 328 4.79 -3.96 13.50
CA VAL A 328 5.70 -3.40 14.56
C VAL A 328 6.79 -4.41 14.86
N GLU A 329 6.54 -5.68 14.59
CA GLU A 329 7.56 -6.75 14.50
C GLU A 329 8.19 -6.76 13.11
N SER A 330 9.51 -6.84 13.07
CA SER A 330 10.28 -7.02 11.83
C SER A 330 9.80 -8.32 11.14
N ILE A 331 9.57 -8.28 9.82
CA ILE A 331 9.13 -9.45 9.03
C ILE A 331 10.14 -9.71 7.92
N LEU A 332 10.72 -10.91 7.91
CA LEU A 332 11.46 -11.45 6.73
C LEU A 332 10.48 -12.25 5.88
N SER A 333 10.54 -12.03 4.58
CA SER A 333 9.76 -12.79 3.57
C SER A 333 10.75 -13.35 2.55
N TYR A 334 10.35 -14.46 1.91
CA TYR A 334 11.09 -15.14 0.82
C TYR A 334 10.21 -15.05 -0.41
N PRO A 335 10.30 -13.98 -1.22
CA PRO A 335 9.33 -13.78 -2.28
C PRO A 335 9.27 -14.96 -3.27
N ALA A 336 10.40 -15.61 -3.60
CA ALA A 336 10.42 -16.72 -4.58
C ALA A 336 9.49 -17.83 -4.06
N LYS A 337 9.39 -18.03 -2.73
CA LYS A 337 8.51 -19.07 -2.08
C LYS A 337 7.16 -18.54 -1.57
N MET A 338 6.90 -17.25 -1.59
CA MET A 338 5.68 -16.64 -1.00
C MET A 338 5.00 -15.82 -2.10
N SER A 339 5.21 -14.52 -2.13
CA SER A 339 4.47 -13.63 -3.06
C SER A 339 4.52 -14.19 -4.49
N HIS A 340 5.65 -14.73 -4.95
CA HIS A 340 5.89 -15.02 -6.40
C HIS A 340 6.08 -16.53 -6.67
N ALA A 341 5.79 -17.42 -5.71
CA ALA A 341 5.87 -18.89 -5.86
C ALA A 341 5.11 -19.35 -7.11
N ALA A 342 3.96 -18.75 -7.40
CA ALA A 342 3.03 -19.25 -8.44
C ALA A 342 3.48 -18.88 -9.86
N LEU A 343 4.46 -18.02 -9.99
CA LEU A 343 4.97 -17.62 -11.32
C LEU A 343 5.83 -18.75 -11.89
N SER A 344 6.04 -18.71 -13.19
CA SER A 344 7.10 -19.46 -13.91
C SER A 344 8.47 -19.01 -13.40
N GLN A 345 9.48 -19.88 -13.49
CA GLN A 345 10.87 -19.49 -13.19
C GLN A 345 11.25 -18.34 -14.13
N GLU A 346 10.72 -18.32 -15.36
CA GLU A 346 11.08 -17.30 -16.36
C GLU A 346 10.55 -15.93 -15.91
N ALA A 347 9.29 -15.89 -15.44
CA ALA A 347 8.65 -14.64 -14.96
C ALA A 347 9.41 -14.10 -13.74
N ARG A 348 9.86 -14.99 -12.83
CA ARG A 348 10.67 -14.57 -11.65
C ARG A 348 12.05 -14.07 -12.13
N ASP A 349 12.66 -14.73 -13.12
CA ASP A 349 13.99 -14.33 -13.66
C ASP A 349 13.88 -12.93 -14.27
N LYS A 350 12.79 -12.63 -14.96
CA LYS A 350 12.59 -11.32 -15.61
C LYS A 350 12.38 -10.22 -14.54
N ARG A 351 11.67 -10.50 -13.46
CA ARG A 351 11.40 -9.52 -12.38
C ARG A 351 12.59 -9.41 -11.42
N GLY A 352 13.66 -10.18 -11.62
CA GLY A 352 14.86 -10.18 -10.75
C GLY A 352 14.60 -10.87 -9.41
N ILE A 353 13.62 -11.76 -9.36
CA ILE A 353 13.18 -12.40 -8.09
C ILE A 353 13.84 -13.79 -7.95
N SER A 354 15.13 -13.77 -7.63
CA SER A 354 16.02 -14.94 -7.50
C SER A 354 15.68 -15.68 -6.20
N ASN A 355 16.23 -16.87 -6.06
CA ASN A 355 16.09 -17.77 -4.90
C ASN A 355 17.09 -17.44 -3.78
N SER A 356 17.94 -16.42 -4.00
CA SER A 356 18.86 -15.80 -2.99
C SER A 356 18.26 -14.54 -2.31
N LEU A 357 17.06 -14.08 -2.69
CA LEU A 357 16.48 -12.76 -2.30
C LEU A 357 15.51 -12.89 -1.11
N LEU A 358 15.69 -12.02 -0.12
CA LEU A 358 14.81 -11.81 1.06
C LEU A 358 14.31 -10.37 1.08
N ARG A 359 13.05 -10.16 1.48
CA ARG A 359 12.52 -8.83 1.83
C ARG A 359 12.51 -8.71 3.35
N LEU A 360 12.90 -7.54 3.84
CA LEU A 360 12.78 -7.13 5.27
C LEU A 360 11.82 -5.93 5.36
N SER A 361 10.71 -6.09 6.10
CA SER A 361 9.86 -5.00 6.62
C SER A 361 10.35 -4.70 8.03
N VAL A 362 10.92 -3.53 8.24
CA VAL A 362 11.58 -3.16 9.52
C VAL A 362 10.50 -2.74 10.51
N GLY A 363 10.50 -3.39 11.67
CA GLY A 363 9.60 -3.06 12.79
C GLY A 363 10.25 -2.10 13.77
N LEU A 364 9.95 -2.25 15.06
CA LEU A 364 10.31 -1.25 16.10
C LEU A 364 11.41 -1.76 17.02
N GLU A 365 12.04 -2.89 16.68
CA GLU A 365 13.16 -3.44 17.46
C GLU A 365 14.30 -2.44 17.39
N ASN A 366 15.15 -2.48 18.41
CA ASN A 366 16.40 -1.67 18.46
C ASN A 366 17.22 -1.99 17.20
N VAL A 367 17.56 -0.97 16.40
CA VAL A 367 18.35 -1.16 15.15
C VAL A 367 19.63 -1.96 15.46
N ASN A 368 20.25 -1.76 16.62
CA ASN A 368 21.54 -2.41 16.99
C ASN A 368 21.30 -3.89 17.27
N ASP A 369 20.14 -4.26 17.83
CA ASP A 369 19.76 -5.67 18.01
C ASP A 369 19.48 -6.30 16.64
N LEU A 370 18.83 -5.60 15.72
CA LEU A 370 18.55 -6.14 14.36
C LEU A 370 19.88 -6.38 13.63
N ILE A 371 20.77 -5.40 13.59
CA ILE A 371 22.09 -5.47 12.92
C ILE A 371 22.94 -6.59 13.55
N SER A 372 22.98 -6.71 14.87
CA SER A 372 23.71 -7.81 15.57
C SER A 372 23.12 -9.17 15.17
N ASP A 373 21.81 -9.31 15.16
CA ASP A 373 21.09 -10.57 14.85
C ASP A 373 21.47 -10.97 13.41
N PHE A 374 21.57 -10.00 12.49
CA PHE A 374 21.96 -10.24 11.08
C PHE A 374 23.46 -10.64 11.00
N GLU A 375 24.36 -9.84 11.60
CA GLU A 375 25.80 -10.15 11.80
C GLU A 375 25.96 -11.63 12.19
N ASN A 376 25.43 -11.98 13.36
CA ASN A 376 25.47 -13.33 13.93
C ASN A 376 25.03 -14.38 12.90
N ALA A 377 23.85 -14.24 12.29
CA ALA A 377 23.33 -15.22 11.31
C ALA A 377 24.25 -15.28 10.09
N LEU A 378 24.75 -14.15 9.59
CA LEU A 378 25.64 -14.09 8.39
C LEU A 378 26.99 -14.77 8.70
N SER A 379 27.35 -14.83 9.98
CA SER A 379 28.61 -15.44 10.49
C SER A 379 28.65 -16.93 10.13
N TYR A 380 27.51 -17.63 10.15
CA TYR A 380 27.37 -19.08 9.82
C TYR A 380 27.25 -19.35 8.30
N VAL A 381 27.42 -18.32 7.46
CA VAL A 381 27.25 -18.40 5.98
C VAL A 381 28.65 -18.29 5.34
N GLU A 382 28.86 -18.92 4.17
CA GLU A 382 30.07 -18.81 3.31
C GLU A 382 31.25 -19.50 3.99
#